data_4RX1
#
_entry.id   4RX1
#
_cell.length_a   89.506
_cell.length_b   89.506
_cell.length_c   127.875
_cell.angle_alpha   90.00
_cell.angle_beta   90.00
_cell.angle_gamma   120.00
#
_symmetry.space_group_name_H-M   'P 31 2 1'
#
loop_
_entity.id
_entity.type
_entity.pdbx_description
1 polymer 'Putative rRNA methyltransferase'
2 non-polymer 'IODIDE ION'
3 non-polymer GLYCEROL
4 water water
#
_entity_poly.entity_id   1
_entity_poly.type   'polypeptide(L)'
_entity_poly.pdbx_seq_one_letter_code
;MIVQLGKASVTWTRADLEAKLAGHARVLIDVGTGDGRFVYRSAGAHPDTYCIGVDPAGERMREVSWRASRKPARGGRPNA
LFVVASVQALPEELAGLAHTLTLNFPWASLLSALVLPEAPVLEALRRLVRPGGELIALLNQSVFDDRPYAARLGLPELSD
AWLDDALRPAYRAAGFEIRTSEIVDGEVPHQTSWGQHLTLASGRRTRLLTAEAIGGSASAAPG
;
_entity_poly.pdbx_strand_id   A,B
#
loop_
_chem_comp.id
_chem_comp.type
_chem_comp.name
_chem_comp.formula
GOL non-polymer GLYCEROL 'C3 H8 O3'
IOD non-polymer 'IODIDE ION' 'I -1'
#
# COMPACT_ATOMS: atom_id res chain seq x y z
N MET A 1 12.92 -3.25 23.25
CA MET A 1 12.13 -3.17 22.04
C MET A 1 11.30 -4.45 21.84
N ILE A 2 10.04 -4.29 21.46
CA ILE A 2 9.17 -5.42 21.16
C ILE A 2 9.22 -5.75 19.65
N VAL A 3 9.60 -6.99 19.31
CA VAL A 3 9.64 -7.47 17.91
C VAL A 3 8.51 -8.44 17.62
N GLN A 4 7.80 -8.27 16.50
CA GLN A 4 6.72 -9.19 16.17
C GLN A 4 7.22 -10.35 15.31
N LEU A 5 6.83 -11.56 15.68
CA LEU A 5 7.20 -12.78 14.95
C LEU A 5 5.99 -13.73 14.89
N GLY A 6 5.19 -13.58 13.84
CA GLY A 6 3.91 -14.28 13.78
C GLY A 6 3.03 -13.80 14.90
N LYS A 7 2.48 -14.71 15.69
CA LYS A 7 1.63 -14.32 16.82
C LYS A 7 2.46 -13.98 18.06
N ALA A 8 3.74 -14.28 18.02
CA ALA A 8 4.60 -14.01 19.17
C ALA A 8 5.14 -12.57 19.19
N SER A 9 5.28 -12.03 20.41
CA SER A 9 5.95 -10.76 20.62
C SER A 9 7.13 -11.00 21.53
N VAL A 10 8.33 -10.68 21.05
CA VAL A 10 9.56 -10.96 21.78
C VAL A 10 10.26 -9.65 22.08
N THR A 11 10.96 -9.65 23.22
CA THR A 11 11.71 -8.49 23.67
C THR A 11 13.14 -8.57 23.14
N TRP A 12 13.62 -7.47 22.56
CA TRP A 12 15.00 -7.39 22.05
C TRP A 12 15.73 -6.27 22.75
N THR A 13 17.06 -6.35 22.78
CA THR A 13 17.87 -5.26 23.31
C THR A 13 18.56 -4.57 22.15
N ARG A 14 19.17 -3.41 22.43
CA ARG A 14 20.03 -2.73 21.45
C ARG A 14 21.06 -3.72 20.90
N ALA A 15 21.61 -4.55 21.78
CA ALA A 15 22.65 -5.48 21.37
C ALA A 15 22.12 -6.49 20.35
N ASP A 16 20.93 -7.03 20.61
CA ASP A 16 20.32 -7.97 19.68
C ASP A 16 20.15 -7.33 18.31
N LEU A 17 19.69 -6.08 18.30
CA LEU A 17 19.47 -5.38 17.04
C LEU A 17 20.76 -5.15 16.26
N GLU A 18 21.82 -4.75 16.97
CA GLU A 18 23.10 -4.45 16.32
C GLU A 18 23.72 -5.69 15.67
N ALA A 19 23.49 -6.85 16.26
CA ALA A 19 23.97 -8.09 15.68
C ALA A 19 23.34 -8.35 14.33
N LYS A 20 22.06 -8.01 14.19
CA LYS A 20 21.36 -8.14 12.92
C LYS A 20 21.76 -7.04 11.93
N LEU A 21 22.05 -5.85 12.45
CA LEU A 21 22.38 -4.68 11.63
C LEU A 21 23.70 -4.87 10.90
N ALA A 22 24.65 -5.49 11.58
CA ALA A 22 25.98 -5.72 11.03
C ALA A 22 25.86 -6.38 9.67
N GLY A 23 26.65 -5.90 8.71
CA GLY A 23 26.60 -6.43 7.37
C GLY A 23 25.63 -5.68 6.47
N HIS A 24 24.93 -4.70 7.03
CA HIS A 24 24.05 -3.89 6.18
C HIS A 24 24.57 -2.46 6.08
N ALA A 25 24.68 -1.99 4.85
CA ALA A 25 25.16 -0.64 4.59
C ALA A 25 24.11 0.40 4.99
N ARG A 26 22.84 0.12 4.70
CA ARG A 26 21.78 1.08 4.99
C ARG A 26 20.69 0.56 5.93
N VAL A 27 19.95 1.50 6.53
CA VAL A 27 18.83 1.15 7.37
C VAL A 27 17.60 1.94 6.95
N LEU A 28 16.49 1.23 6.75
CA LEU A 28 15.21 1.84 6.44
C LEU A 28 14.22 1.58 7.57
N ILE A 29 13.50 2.62 7.96
CA ILE A 29 12.46 2.45 8.96
C ILE A 29 11.12 2.97 8.44
N ASP A 30 10.10 2.12 8.45
CA ASP A 30 8.77 2.52 8.02
C ASP A 30 7.84 2.66 9.22
N VAL A 31 7.45 3.90 9.54
CA VAL A 31 6.63 4.18 10.72
C VAL A 31 5.14 4.18 10.39
N GLY A 32 4.36 3.37 11.11
CA GLY A 32 2.94 3.17 10.82
C GLY A 32 2.82 2.26 9.60
N THR A 33 3.46 1.09 9.70
CA THR A 33 3.67 0.21 8.54
C THR A 33 2.47 -0.66 8.17
N GLY A 34 1.50 -0.78 9.08
CA GLY A 34 0.28 -1.53 8.80
C GLY A 34 0.57 -3.01 8.63
N ASP A 35 0.18 -3.59 7.49
CA ASP A 35 0.43 -5.01 7.25
C ASP A 35 1.89 -5.27 6.94
N GLY A 36 2.66 -4.21 6.68
CA GLY A 36 4.10 -4.33 6.56
C GLY A 36 4.64 -4.77 5.22
N ARG A 37 3.78 -4.88 4.20
CA ARG A 37 4.23 -5.37 2.90
C ARG A 37 5.20 -4.43 2.22
N PHE A 38 5.13 -3.14 2.53
CA PHE A 38 6.09 -2.20 1.97
C PHE A 38 7.48 -2.56 2.47
N VAL A 39 7.58 -2.91 3.74
CA VAL A 39 8.88 -3.26 4.30
C VAL A 39 9.35 -4.59 3.74
N TYR A 40 8.41 -5.53 3.57
CA TYR A 40 8.75 -6.82 3.02
C TYR A 40 9.31 -6.69 1.60
N ARG A 41 8.64 -5.90 0.78
CA ARG A 41 9.10 -5.66 -0.59
C ARG A 41 10.45 -4.93 -0.63
N SER A 42 10.60 -3.90 0.20
CA SER A 42 11.84 -3.16 0.24
C SER A 42 13.01 -4.10 0.57
N ALA A 43 12.74 -5.05 1.47
CA ALA A 43 13.74 -5.99 1.90
C ALA A 43 14.24 -6.80 0.71
N GLY A 44 13.30 -7.21 -0.14
CA GLY A 44 13.61 -7.91 -1.39
C GLY A 44 14.41 -7.07 -2.37
N ALA A 45 13.97 -5.84 -2.59
CA ALA A 45 14.66 -4.97 -3.56
C ALA A 45 16.05 -4.48 -3.08
N HIS A 46 16.27 -4.43 -1.77
CA HIS A 46 17.50 -3.88 -1.23
C HIS A 46 18.11 -4.76 -0.17
N PRO A 47 18.87 -5.80 -0.58
CA PRO A 47 19.54 -6.74 0.34
C PRO A 47 20.58 -6.03 1.17
N ASP A 48 21.01 -4.85 0.71
CA ASP A 48 22.03 -4.06 1.40
C ASP A 48 21.40 -3.31 2.58
N THR A 49 20.07 -3.30 2.61
CA THR A 49 19.36 -2.47 3.57
C THR A 49 18.59 -3.27 4.60
N TYR A 50 18.79 -2.93 5.87
CA TYR A 50 18.02 -3.55 6.92
C TYR A 50 16.75 -2.75 7.07
N CYS A 51 15.62 -3.43 6.92
CA CYS A 51 14.32 -2.78 6.76
C CYS A 51 13.40 -3.06 7.92
N ILE A 52 13.03 -1.99 8.63
CA ILE A 52 12.28 -2.12 9.86
C ILE A 52 10.89 -1.50 9.72
N GLY A 53 9.87 -2.32 9.93
CA GLY A 53 8.49 -1.85 9.93
C GLY A 53 8.02 -1.67 11.37
N VAL A 54 7.38 -0.55 11.64
CA VAL A 54 6.89 -0.27 12.98
C VAL A 54 5.39 -0.01 12.94
N ASP A 55 4.67 -0.57 13.91
CA ASP A 55 3.24 -0.34 14.01
C ASP A 55 2.80 -0.62 15.45
N PRO A 56 1.84 0.18 15.95
CA PRO A 56 1.45 -0.06 17.34
C PRO A 56 0.57 -1.33 17.53
N ALA A 57 0.04 -1.92 16.45
CA ALA A 57 -0.74 -3.16 16.60
C ALA A 57 0.00 -4.37 16.03
N GLY A 58 0.56 -5.18 16.93
CA GLY A 58 1.34 -6.35 16.52
C GLY A 58 0.64 -7.27 15.54
N GLU A 59 -0.66 -7.45 15.74
CA GLU A 59 -1.38 -8.42 14.93
C GLU A 59 -1.48 -8.00 13.47
N ARG A 60 -1.43 -6.69 13.21
CA ARG A 60 -1.45 -6.23 11.83
C ARG A 60 -0.23 -6.78 11.09
N MET A 61 0.82 -7.05 11.87
CA MET A 61 2.11 -7.47 11.31
C MET A 61 2.35 -8.97 11.42
N ARG A 62 1.35 -9.73 11.87
CA ARG A 62 1.54 -11.17 12.11
C ARG A 62 1.99 -11.94 10.86
N GLU A 63 1.22 -11.77 9.79
CA GLU A 63 1.45 -12.45 8.52
C GLU A 63 2.84 -12.20 7.94
N VAL A 64 3.15 -10.91 7.79
CA VAL A 64 4.38 -10.51 7.16
C VAL A 64 5.61 -10.92 8.00
N SER A 65 5.53 -10.72 9.32
CA SER A 65 6.67 -11.05 10.16
C SER A 65 6.91 -12.57 10.18
N TRP A 66 5.82 -13.35 10.16
CA TRP A 66 6.02 -14.80 10.07
C TRP A 66 6.67 -15.19 8.73
N ARG A 67 6.13 -14.66 7.64
CA ARG A 67 6.68 -14.95 6.32
C ARG A 67 8.13 -14.53 6.20
N ALA A 68 8.47 -13.32 6.65
CA ALA A 68 9.82 -12.79 6.50
C ALA A 68 10.82 -13.57 7.36
N SER A 69 10.31 -14.29 8.35
CA SER A 69 11.20 -15.06 9.19
C SER A 69 11.40 -16.50 8.73
N ARG A 70 10.86 -16.89 7.58
CA ARG A 70 11.10 -18.22 7.00
C ARG A 70 12.47 -18.27 6.30
N LYS A 71 12.85 -19.44 5.75
CA LYS A 71 14.08 -19.54 4.95
C LYS A 71 13.82 -18.73 3.70
N PRO A 72 14.88 -18.12 3.12
CA PRO A 72 14.72 -17.31 1.92
C PRO A 72 13.87 -17.94 0.79
N ALA A 73 14.13 -19.21 0.43
CA ALA A 73 13.39 -19.85 -0.66
C ALA A 73 11.91 -20.06 -0.32
N ARG A 74 11.59 -19.97 0.96
CA ARG A 74 10.20 -20.05 1.38
C ARG A 74 9.59 -18.67 1.58
N GLY A 75 10.35 -17.63 1.24
CA GLY A 75 9.85 -16.27 1.29
C GLY A 75 10.42 -15.48 2.45
N GLY A 76 11.41 -16.07 3.13
CA GLY A 76 12.02 -15.38 4.24
C GLY A 76 12.80 -14.16 3.75
N ARG A 77 12.81 -13.11 4.57
CA ARG A 77 13.62 -11.96 4.26
C ARG A 77 14.32 -11.51 5.54
N PRO A 78 15.58 -11.96 5.71
CA PRO A 78 16.32 -11.77 6.96
C PRO A 78 16.72 -10.31 7.21
N ASN A 79 16.65 -9.47 6.19
CA ASN A 79 16.93 -8.06 6.40
C ASN A 79 15.63 -7.28 6.66
N ALA A 80 14.59 -8.00 7.03
CA ALA A 80 13.32 -7.40 7.42
C ALA A 80 13.05 -7.61 8.91
N LEU A 81 12.47 -6.59 9.54
CA LEU A 81 12.18 -6.65 10.96
C LEU A 81 10.89 -5.89 11.31
N PHE A 82 10.09 -6.44 12.23
CA PHE A 82 8.82 -5.81 12.54
C PHE A 82 8.67 -5.55 14.01
N VAL A 83 8.42 -4.28 14.33
CA VAL A 83 8.49 -3.79 15.67
C VAL A 83 7.15 -3.18 16.05
N VAL A 84 6.63 -3.53 17.23
CA VAL A 84 5.40 -2.91 17.70
C VAL A 84 5.65 -1.70 18.62
N ALA A 85 5.14 -0.54 18.18
CA ALA A 85 5.30 0.74 18.87
C ALA A 85 4.50 1.82 18.14
N SER A 86 4.17 2.89 18.85
CA SER A 86 3.58 4.10 18.24
C SER A 86 4.57 5.25 18.23
N VAL A 87 4.31 6.23 17.37
CA VAL A 87 5.16 7.43 17.33
C VAL A 87 5.27 8.15 18.68
N GLN A 88 4.28 7.93 19.53
CA GLN A 88 4.22 8.64 20.83
C GLN A 88 5.20 8.05 21.87
N ALA A 89 5.74 6.87 21.57
CA ALA A 89 6.71 6.20 22.43
C ALA A 89 7.56 5.26 21.60
N LEU A 90 8.34 5.79 20.68
CA LEU A 90 9.18 4.95 19.85
C LEU A 90 10.28 4.32 20.70
N PRO A 91 10.68 3.09 20.36
CA PRO A 91 11.69 2.40 21.17
C PRO A 91 13.07 3.06 21.06
N GLU A 92 13.75 3.26 22.18
CA GLU A 92 15.08 3.89 22.18
C GLU A 92 16.11 3.15 21.37
N GLU A 93 15.92 1.85 21.22
CA GLU A 93 16.87 1.03 20.49
C GLU A 93 16.99 1.48 19.02
N LEU A 94 16.01 2.25 18.53
CA LEU A 94 16.03 2.68 17.14
C LEU A 94 16.72 4.02 16.92
N ALA A 95 17.11 4.69 18.00
CA ALA A 95 17.66 6.04 17.88
C ALA A 95 18.82 6.15 16.89
N GLY A 96 18.72 7.08 15.94
CA GLY A 96 19.83 7.41 15.06
C GLY A 96 20.23 6.37 14.03
N LEU A 97 19.38 5.37 13.79
CA LEU A 97 19.75 4.28 12.89
C LEU A 97 19.37 4.48 11.41
N ALA A 98 18.29 5.21 11.15
CA ALA A 98 17.71 5.25 9.80
C ALA A 98 18.41 6.20 8.79
N HIS A 99 18.77 5.66 7.63
CA HIS A 99 19.16 6.47 6.47
C HIS A 99 17.90 7.04 5.84
N THR A 100 16.86 6.23 5.78
CA THR A 100 15.59 6.59 5.18
C THR A 100 14.46 6.26 6.15
N LEU A 101 13.62 7.24 6.44
CA LEU A 101 12.47 7.04 7.31
C LEU A 101 11.24 7.32 6.47
N THR A 102 10.37 6.34 6.34
CA THR A 102 9.17 6.54 5.53
C THR A 102 7.93 6.60 6.36
N LEU A 103 7.03 7.50 5.96
CA LEU A 103 5.66 7.49 6.45
C LEU A 103 4.75 7.43 5.24
N ASN A 104 4.13 6.28 5.03
CA ASN A 104 3.26 6.02 3.90
C ASN A 104 1.80 6.09 4.33
N PHE A 105 1.07 7.08 3.80
CA PHE A 105 -0.34 7.28 4.13
C PHE A 105 -0.64 7.23 5.63
N PRO A 106 0.00 8.09 6.41
CA PRO A 106 -0.30 8.04 7.84
C PRO A 106 -1.75 8.44 8.10
N TRP A 107 -2.37 7.86 9.13
CA TRP A 107 -3.71 8.28 9.55
C TRP A 107 -3.76 9.78 9.96
N ALA A 108 -4.95 10.31 10.11
CA ALA A 108 -5.14 11.75 10.31
C ALA A 108 -4.31 12.37 11.44
N SER A 109 -4.20 11.68 12.58
CA SER A 109 -3.46 12.28 13.69
C SER A 109 -1.99 12.45 13.28
N LEU A 110 -1.40 11.38 12.77
CA LEU A 110 -0.01 11.44 12.35
C LEU A 110 0.15 12.41 11.16
N LEU A 111 -0.80 12.38 10.23
CA LEU A 111 -0.80 13.33 9.11
C LEU A 111 -0.84 14.78 9.64
N SER A 112 -1.71 15.02 10.61
CA SER A 112 -1.78 16.33 11.25
C SER A 112 -0.43 16.73 11.86
N ALA A 113 0.19 15.76 12.52
CA ALA A 113 1.45 16.05 13.17
C ALA A 113 2.48 16.54 12.18
N LEU A 114 2.37 16.12 10.92
CA LEU A 114 3.38 16.43 9.91
C LEU A 114 3.08 17.72 9.13
N VAL A 115 1.80 18.09 9.08
CA VAL A 115 1.40 19.21 8.23
C VAL A 115 1.00 20.48 8.98
N LEU A 116 0.73 20.37 10.27
CA LEU A 116 0.40 21.56 11.07
C LEU A 116 1.65 22.46 11.27
N PRO A 117 2.75 21.92 11.85
CA PRO A 117 3.01 20.58 12.37
C PRO A 117 3.01 20.57 13.89
N GLU A 118 3.48 19.46 14.45
CA GLU A 118 3.47 19.23 15.88
C GLU A 118 4.86 18.84 16.33
N ALA A 119 5.51 19.75 17.07
CA ALA A 119 6.91 19.54 17.49
C ALA A 119 7.22 18.20 18.16
N PRO A 120 6.43 17.78 19.18
CA PRO A 120 6.79 16.52 19.87
C PRO A 120 6.91 15.33 18.92
N VAL A 121 5.98 15.21 17.98
CA VAL A 121 6.07 14.17 16.97
C VAL A 121 7.27 14.31 16.05
N LEU A 122 7.49 15.52 15.55
CA LEU A 122 8.61 15.81 14.66
C LEU A 122 9.92 15.47 15.38
N GLU A 123 10.00 15.85 16.66
CA GLU A 123 11.21 15.58 17.44
C GLU A 123 11.41 14.08 17.61
N ALA A 124 10.31 13.39 17.89
CA ALA A 124 10.30 11.94 18.03
C ALA A 124 10.81 11.21 16.77
N LEU A 125 10.33 11.62 15.60
CA LEU A 125 10.79 11.03 14.33
C LEU A 125 12.27 11.33 14.08
N ARG A 126 12.68 12.56 14.37
CA ARG A 126 14.05 12.98 14.17
C ARG A 126 15.06 12.11 14.94
N ARG A 127 14.62 11.62 16.10
CA ARG A 127 15.44 10.76 16.95
C ARG A 127 15.80 9.45 16.25
N LEU A 128 14.99 9.02 15.28
CA LEU A 128 15.23 7.75 14.61
C LEU A 128 16.28 7.87 13.51
N VAL A 129 16.43 9.08 13.00
CA VAL A 129 17.18 9.31 11.77
C VAL A 129 18.65 9.63 12.01
N ARG A 130 19.52 9.02 11.23
CA ARG A 130 20.91 9.45 11.28
C ARG A 130 21.03 10.81 10.55
N PRO A 131 21.99 11.64 10.98
CA PRO A 131 22.33 12.90 10.31
C PRO A 131 22.57 12.65 8.83
N GLY A 132 22.03 13.47 7.95
CA GLY A 132 22.19 13.27 6.52
C GLY A 132 21.15 12.30 6.00
N GLY A 133 20.45 11.63 6.91
CA GLY A 133 19.38 10.71 6.52
C GLY A 133 18.12 11.45 6.07
N GLU A 134 17.16 10.71 5.51
CA GLU A 134 15.99 11.33 4.87
C GLU A 134 14.65 10.89 5.48
N LEU A 135 13.76 11.87 5.70
CA LEU A 135 12.36 11.58 6.02
C LEU A 135 11.57 11.74 4.74
N ILE A 136 10.78 10.73 4.40
CA ILE A 136 9.96 10.71 3.19
C ILE A 136 8.50 10.40 3.55
N ALA A 137 7.60 11.32 3.24
CA ALA A 137 6.20 11.17 3.62
C ALA A 137 5.31 11.23 2.40
N LEU A 138 4.37 10.29 2.34
CA LEU A 138 3.35 10.25 1.30
C LEU A 138 2.04 10.64 1.96
N LEU A 139 1.53 11.81 1.62
CA LEU A 139 0.44 12.40 2.38
C LEU A 139 -0.85 12.38 1.59
N ASN A 140 -1.90 11.82 2.18
CA ASN A 140 -3.21 11.76 1.52
C ASN A 140 -4.37 11.89 2.51
N GLN A 141 -5.35 12.71 2.17
CA GLN A 141 -6.40 13.07 3.12
C GLN A 141 -7.59 12.11 3.11
N SER A 142 -7.54 11.12 2.23
CA SER A 142 -8.57 10.09 2.23
C SER A 142 -8.26 8.96 3.25
N VAL A 143 -7.20 9.10 4.04
CA VAL A 143 -6.87 8.05 5.02
C VAL A 143 -7.91 7.97 6.12
N PHE A 144 -7.84 6.91 6.93
CA PHE A 144 -8.69 6.76 8.12
C PHE A 144 -8.53 7.97 9.06
N ASP A 145 -9.64 8.56 9.50
CA ASP A 145 -9.55 9.64 10.50
C ASP A 145 -9.64 9.10 11.92
N ASP A 146 -8.50 9.03 12.59
CA ASP A 146 -8.41 8.52 13.97
C ASP A 146 -8.49 9.62 15.05
N ARG A 147 -8.65 10.87 14.64
CA ARG A 147 -8.69 11.98 15.60
C ARG A 147 -9.99 12.02 16.37
N PRO A 148 -9.93 12.43 17.66
CA PRO A 148 -11.18 12.70 18.38
C PRO A 148 -12.04 13.73 17.65
N TYR A 149 -13.35 13.68 17.86
CA TYR A 149 -14.33 14.53 17.15
C TYR A 149 -14.02 16.01 17.26
N ALA A 150 -13.61 16.46 18.44
CA ALA A 150 -13.31 17.87 18.68
C ALA A 150 -12.06 18.35 17.93
N ALA A 151 -11.16 17.42 17.63
CA ALA A 151 -9.90 17.78 17.02
C ALA A 151 -9.98 17.78 15.52
N ARG A 152 -11.19 17.81 14.98
CA ARG A 152 -11.26 17.77 13.53
C ARG A 152 -11.28 19.18 12.98
N LEU A 153 -10.17 19.86 13.17
CA LEU A 153 -9.88 21.09 12.47
C LEU A 153 -9.76 20.73 11.00
N GLY A 154 -9.96 21.71 10.14
CA GLY A 154 -9.58 21.54 8.75
C GLY A 154 -8.07 21.60 8.60
N LEU A 155 -7.50 20.68 7.81
CA LEU A 155 -6.07 20.69 7.54
C LEU A 155 -5.72 21.65 6.40
N PRO A 156 -4.52 22.26 6.48
CA PRO A 156 -4.10 23.27 5.50
C PRO A 156 -3.64 22.68 4.17
N GLU A 157 -3.87 23.38 3.07
CA GLU A 157 -3.24 23.03 1.80
C GLU A 157 -1.75 23.31 1.94
N LEU A 158 -0.89 22.41 1.46
CA LEU A 158 0.55 22.69 1.48
C LEU A 158 1.01 23.64 0.37
N SER A 159 0.57 24.89 0.46
CA SER A 159 0.98 25.96 -0.45
C SER A 159 2.39 26.44 -0.13
N ASP A 160 2.99 27.20 -1.04
CA ASP A 160 4.29 27.78 -0.74
C ASP A 160 4.22 28.60 0.55
N ALA A 161 3.14 29.36 0.71
CA ALA A 161 2.97 30.20 1.90
C ALA A 161 2.99 29.33 3.13
N TRP A 162 2.30 28.20 3.06
CA TRP A 162 2.21 27.35 4.22
C TRP A 162 3.57 26.74 4.55
N LEU A 163 4.28 26.37 3.51
CA LEU A 163 5.59 25.76 3.66
C LEU A 163 6.50 26.82 4.31
N ASP A 164 6.43 28.04 3.80
CA ASP A 164 7.29 29.12 4.28
C ASP A 164 7.03 29.56 5.72
N ASP A 165 5.77 29.76 6.08
CA ASP A 165 5.47 30.24 7.43
C ASP A 165 5.28 29.17 8.48
N ALA A 166 4.79 28.01 8.08
CA ALA A 166 4.48 27.00 9.07
C ALA A 166 5.46 25.83 9.11
N LEU A 167 5.83 25.30 7.93
CA LEU A 167 6.52 24.02 7.93
C LEU A 167 8.04 24.10 8.02
N ARG A 168 8.66 24.94 7.20
CA ARG A 168 10.12 25.07 7.21
C ARG A 168 10.71 25.42 8.57
N PRO A 169 10.20 26.50 9.22
CA PRO A 169 10.73 26.81 10.56
C PRO A 169 10.47 25.70 11.56
N ALA A 170 9.25 25.19 11.58
CA ALA A 170 8.91 24.16 12.53
C ALA A 170 9.74 22.89 12.28
N TYR A 171 10.02 22.59 11.01
CA TYR A 171 10.87 21.44 10.74
C TYR A 171 12.32 21.75 11.10
N ARG A 172 12.78 22.98 10.84
CA ARG A 172 14.14 23.34 11.24
C ARG A 172 14.23 23.26 12.77
N ALA A 173 13.18 23.73 13.43
CA ALA A 173 13.09 23.68 14.88
C ALA A 173 13.11 22.25 15.44
N ALA A 174 12.98 21.25 14.57
CA ALA A 174 12.99 19.84 15.02
C ALA A 174 14.20 19.06 14.51
N GLY A 175 15.05 19.71 13.73
CA GLY A 175 16.26 19.05 13.26
C GLY A 175 16.15 18.63 11.82
N PHE A 176 15.14 19.13 11.12
CA PHE A 176 14.86 18.73 9.75
C PHE A 176 14.88 19.92 8.79
N GLU A 177 15.46 19.73 7.60
CA GLU A 177 15.39 20.73 6.53
C GLU A 177 14.56 20.16 5.40
N ILE A 178 13.43 20.80 5.12
CA ILE A 178 12.53 20.29 4.08
C ILE A 178 13.15 20.40 2.70
N ARG A 179 13.24 19.28 1.99
CA ARG A 179 13.74 19.30 0.61
C ARG A 179 12.60 19.49 -0.38
N THR A 180 11.75 18.48 -0.47
CA THR A 180 10.74 18.41 -1.52
C THR A 180 9.35 18.60 -0.97
N SER A 181 8.52 19.34 -1.69
CA SER A 181 7.09 19.42 -1.42
C SER A 181 6.35 19.47 -2.76
N GLU A 182 5.83 18.33 -3.18
CA GLU A 182 5.33 18.18 -4.54
C GLU A 182 4.06 17.36 -4.57
N ILE A 183 3.17 17.66 -5.51
CA ILE A 183 2.05 16.78 -5.77
C ILE A 183 2.60 15.58 -6.55
N VAL A 184 2.18 14.38 -6.19
CA VAL A 184 2.74 13.16 -6.77
C VAL A 184 2.45 13.03 -8.28
N ASP A 185 1.35 13.60 -8.72
CA ASP A 185 1.15 13.83 -10.15
C ASP A 185 1.36 15.33 -10.47
N GLY A 186 0.43 15.94 -11.20
CA GLY A 186 0.59 17.33 -11.60
C GLY A 186 1.15 17.48 -13.00
N GLN A 191 -0.84 13.14 -17.66
CA GLN A 191 -2.25 12.86 -17.91
C GLN A 191 -2.49 11.35 -18.06
N THR A 192 -2.74 10.70 -16.92
CA THR A 192 -3.18 9.31 -16.91
C THR A 192 -4.67 9.30 -17.21
N SER A 193 -5.26 8.12 -17.39
CA SER A 193 -6.72 8.02 -17.47
C SER A 193 -7.22 8.22 -16.04
N TRP A 194 -8.51 8.01 -15.79
CA TRP A 194 -9.04 8.38 -14.47
C TRP A 194 -8.42 7.62 -13.29
N GLY A 195 -8.12 6.34 -13.47
CA GLY A 195 -7.65 5.51 -12.36
C GLY A 195 -6.17 5.16 -12.23
N GLN A 196 -5.36 5.45 -13.25
CA GLN A 196 -3.92 5.22 -13.13
C GLN A 196 -3.37 6.20 -12.12
N HIS A 197 -3.91 7.41 -12.16
CA HIS A 197 -3.65 8.43 -11.16
C HIS A 197 -3.91 7.83 -9.77
N LEU A 198 -5.10 7.28 -9.56
CA LEU A 198 -5.48 6.78 -8.24
C LEU A 198 -4.69 5.55 -7.76
N THR A 199 -4.18 4.75 -8.69
CA THR A 199 -3.36 3.61 -8.28
C THR A 199 -2.03 4.09 -7.70
N LEU A 200 -1.42 5.06 -8.39
CA LEU A 200 -0.10 5.57 -8.02
C LEU A 200 -0.17 6.80 -7.11
N ALA A 201 -1.35 7.39 -7.00
CA ALA A 201 -1.60 8.38 -5.96
C ALA A 201 -2.30 7.71 -4.77
N SER A 202 -3.55 7.32 -4.94
CA SER A 202 -4.34 6.58 -3.94
C SER A 202 -4.78 7.39 -2.70
N GLY A 203 -5.89 8.11 -2.80
CA GLY A 203 -6.77 8.14 -3.98
C GLY A 203 -6.56 9.30 -4.94
N ARG A 204 -7.00 10.50 -4.54
CA ARG A 204 -6.98 11.65 -5.45
C ARG A 204 -5.63 12.36 -5.46
N ARG A 205 -5.49 13.35 -4.59
CA ARG A 205 -4.28 14.16 -4.51
C ARG A 205 -3.43 13.67 -3.35
N THR A 206 -2.29 13.07 -3.67
CA THR A 206 -1.33 12.83 -2.61
C THR A 206 -0.09 13.66 -2.85
N ARG A 207 0.47 14.17 -1.77
CA ARG A 207 1.66 14.97 -1.89
C ARG A 207 2.83 14.23 -1.24
N LEU A 208 4.01 14.54 -1.73
CA LEU A 208 5.23 13.99 -1.24
C LEU A 208 5.97 15.06 -0.47
N LEU A 209 6.44 14.70 0.72
CA LEU A 209 7.20 15.62 1.54
C LEU A 209 8.50 14.95 1.93
N THR A 210 9.64 15.58 1.62
CA THR A 210 10.91 15.00 2.04
C THR A 210 11.72 16.00 2.85
N ALA A 211 12.44 15.52 3.84
CA ALA A 211 13.25 16.42 4.62
C ALA A 211 14.51 15.71 5.02
N GLU A 212 15.61 16.46 5.08
CA GLU A 212 16.88 15.92 5.46
C GLU A 212 17.11 16.17 6.94
N ALA A 213 17.65 15.17 7.65
CA ALA A 213 17.94 15.37 9.06
C ALA A 213 19.26 16.12 9.12
N ILE A 214 19.29 17.18 9.91
CA ILE A 214 20.47 18.01 9.99
C ILE A 214 21.06 17.97 11.38
N GLY A 215 22.38 17.84 11.44
CA GLY A 215 23.13 17.82 12.69
C GLY A 215 24.28 18.80 12.61
N GLY A 216 25.21 18.73 13.56
CA GLY A 216 26.38 19.59 13.57
C GLY A 216 27.44 19.23 12.52
N SER A 217 28.59 19.89 12.60
CA SER A 217 29.65 19.70 11.60
C SER A 217 31.03 20.07 12.15
N MET B 1 -22.11 -14.91 -3.09
CA MET B 1 -20.85 -14.20 -2.84
C MET B 1 -20.62 -13.99 -1.34
N ILE B 2 -19.38 -14.20 -0.91
CA ILE B 2 -19.06 -13.99 0.50
C ILE B 2 -18.55 -12.57 0.77
N VAL B 3 -19.24 -11.87 1.66
CA VAL B 3 -18.87 -10.52 2.05
C VAL B 3 -18.24 -10.54 3.45
N GLN B 4 -17.10 -9.84 3.61
CA GLN B 4 -16.48 -9.71 4.93
C GLN B 4 -17.01 -8.49 5.69
N LEU B 5 -17.35 -8.68 6.96
CA LEU B 5 -17.86 -7.60 7.81
C LEU B 5 -17.24 -7.76 9.20
N GLY B 6 -16.09 -7.12 9.43
CA GLY B 6 -15.32 -7.38 10.64
C GLY B 6 -14.85 -8.82 10.67
N LYS B 7 -15.09 -9.51 11.77
CA LYS B 7 -14.70 -10.93 11.86
C LYS B 7 -15.77 -11.87 11.30
N ALA B 8 -16.93 -11.32 10.97
CA ALA B 8 -18.01 -12.08 10.37
C ALA B 8 -17.86 -12.20 8.84
N SER B 9 -18.32 -13.33 8.29
CA SER B 9 -18.39 -13.56 6.84
C SER B 9 -19.84 -13.80 6.45
N VAL B 10 -20.35 -12.98 5.53
CA VAL B 10 -21.77 -13.02 5.20
C VAL B 10 -22.04 -13.34 3.71
N THR B 11 -23.14 -14.03 3.45
CA THR B 11 -23.47 -14.41 2.08
C THR B 11 -24.38 -13.40 1.38
N TRP B 12 -23.97 -12.97 0.18
CA TRP B 12 -24.73 -12.02 -0.63
C TRP B 12 -25.07 -12.62 -2.00
N THR B 13 -26.14 -12.12 -2.61
CA THR B 13 -26.50 -12.52 -3.96
C THR B 13 -26.19 -11.41 -4.95
N ARG B 14 -26.28 -11.74 -6.23
CA ARG B 14 -26.22 -10.74 -7.31
C ARG B 14 -27.24 -9.65 -7.01
N ALA B 15 -28.42 -10.08 -6.57
CA ALA B 15 -29.48 -9.12 -6.28
C ALA B 15 -29.15 -8.18 -5.13
N ASP B 16 -28.64 -8.72 -4.02
CA ASP B 16 -28.26 -7.87 -2.88
C ASP B 16 -27.20 -6.85 -3.29
N LEU B 17 -26.25 -7.28 -4.11
CA LEU B 17 -25.18 -6.39 -4.56
C LEU B 17 -25.73 -5.22 -5.39
N GLU B 18 -26.67 -5.52 -6.28
CA GLU B 18 -27.25 -4.54 -7.18
C GLU B 18 -27.95 -3.39 -6.44
N ALA B 19 -28.57 -3.73 -5.31
CA ALA B 19 -29.23 -2.73 -4.48
C ALA B 19 -28.25 -1.73 -3.89
N LYS B 20 -27.08 -2.21 -3.49
CA LYS B 20 -26.03 -1.33 -2.97
C LYS B 20 -25.43 -0.51 -4.11
N LEU B 21 -25.38 -1.09 -5.30
CA LEU B 21 -24.75 -0.43 -6.43
C LEU B 21 -25.51 0.81 -6.90
N ALA B 22 -26.84 0.72 -6.92
CA ALA B 22 -27.67 1.82 -7.42
C ALA B 22 -27.31 3.14 -6.76
N GLY B 23 -27.20 4.19 -7.57
CA GLY B 23 -26.86 5.51 -7.04
C GLY B 23 -25.38 5.83 -7.06
N HIS B 24 -24.56 4.90 -7.54
CA HIS B 24 -23.15 5.18 -7.71
C HIS B 24 -22.84 5.21 -9.20
N ALA B 25 -22.16 6.25 -9.66
CA ALA B 25 -21.90 6.38 -11.08
C ALA B 25 -20.91 5.34 -11.61
N ARG B 26 -19.83 5.11 -10.87
CA ARG B 26 -18.80 4.14 -11.28
C ARG B 26 -18.57 3.03 -10.26
N VAL B 27 -17.91 1.95 -10.70
CA VAL B 27 -17.55 0.84 -9.82
C VAL B 27 -16.05 0.51 -9.92
N LEU B 28 -15.37 0.38 -8.76
CA LEU B 28 -13.97 -0.05 -8.76
C LEU B 28 -13.82 -1.40 -8.06
N ILE B 29 -13.02 -2.28 -8.67
CA ILE B 29 -12.70 -3.55 -8.06
C ILE B 29 -11.18 -3.74 -7.93
N ASP B 30 -10.72 -3.95 -6.70
CA ASP B 30 -9.31 -4.18 -6.41
C ASP B 30 -9.12 -5.65 -6.11
N VAL B 31 -8.43 -6.37 -7.01
CA VAL B 31 -8.21 -7.80 -6.82
C VAL B 31 -6.94 -8.08 -6.05
N GLY B 32 -7.06 -8.82 -4.94
CA GLY B 32 -5.90 -9.06 -4.08
C GLY B 32 -5.65 -7.86 -3.21
N THR B 33 -6.67 -7.46 -2.44
CA THR B 33 -6.63 -6.16 -1.79
C THR B 33 -5.80 -6.13 -0.51
N GLY B 34 -5.43 -7.30 0.01
CA GLY B 34 -4.60 -7.38 1.21
C GLY B 34 -5.40 -6.82 2.40
N ASP B 35 -4.85 -5.86 3.13
CA ASP B 35 -5.58 -5.30 4.26
C ASP B 35 -6.75 -4.40 3.86
N GLY B 36 -6.83 -4.04 2.57
CA GLY B 36 -7.96 -3.28 2.02
C GLY B 36 -7.87 -1.77 2.15
N ARG B 37 -6.74 -1.21 2.59
CA ARG B 37 -6.67 0.23 2.83
C ARG B 37 -6.78 1.04 1.54
N PHE B 38 -6.30 0.48 0.44
CA PHE B 38 -6.41 1.13 -0.85
C PHE B 38 -7.88 1.31 -1.19
N VAL B 39 -8.68 0.30 -0.87
CA VAL B 39 -10.10 0.39 -1.19
C VAL B 39 -10.74 1.40 -0.28
N TYR B 40 -10.34 1.38 0.98
CA TYR B 40 -10.89 2.32 1.95
C TYR B 40 -10.58 3.79 1.59
N ARG B 41 -9.35 4.06 1.18
CA ARG B 41 -8.97 5.40 0.73
C ARG B 41 -9.74 5.79 -0.54
N SER B 42 -9.83 4.85 -1.48
CA SER B 42 -10.55 5.09 -2.72
C SER B 42 -12.02 5.45 -2.48
N ALA B 43 -12.65 4.78 -1.51
CA ALA B 43 -14.06 5.05 -1.26
C ALA B 43 -14.26 6.48 -0.76
N GLY B 44 -13.37 6.94 0.11
CA GLY B 44 -13.39 8.31 0.59
C GLY B 44 -13.13 9.32 -0.52
N ALA B 45 -12.11 9.06 -1.34
CA ALA B 45 -11.72 9.97 -2.40
C ALA B 45 -12.75 10.06 -3.51
N HIS B 46 -13.53 9.00 -3.69
CA HIS B 46 -14.50 8.95 -4.77
C HIS B 46 -15.84 8.45 -4.24
N PRO B 47 -16.61 9.36 -3.63
CA PRO B 47 -17.91 9.04 -3.00
C PRO B 47 -18.89 8.57 -4.07
N ASP B 48 -18.58 9.00 -5.28
CA ASP B 48 -19.34 8.69 -6.48
C ASP B 48 -19.09 7.26 -6.96
N THR B 49 -18.12 6.58 -6.35
CA THR B 49 -17.68 5.24 -6.80
C THR B 49 -17.94 4.14 -5.77
N TYR B 50 -18.49 3.03 -6.25
CA TYR B 50 -18.66 1.85 -5.39
C TYR B 50 -17.40 0.99 -5.48
N CYS B 51 -16.75 0.78 -4.33
CA CYS B 51 -15.39 0.22 -4.31
C CYS B 51 -15.32 -1.14 -3.65
N ILE B 52 -14.89 -2.13 -4.42
CA ILE B 52 -14.90 -3.52 -3.96
C ILE B 52 -13.50 -4.07 -3.87
N GLY B 53 -13.09 -4.51 -2.68
CA GLY B 53 -11.78 -5.13 -2.51
C GLY B 53 -11.94 -6.63 -2.45
N VAL B 54 -11.10 -7.38 -3.15
CA VAL B 54 -11.23 -8.83 -3.13
C VAL B 54 -9.93 -9.49 -2.65
N ASP B 55 -10.09 -10.45 -1.73
CA ASP B 55 -8.95 -11.16 -1.16
C ASP B 55 -9.50 -12.49 -0.62
N PRO B 56 -8.71 -13.56 -0.73
CA PRO B 56 -9.20 -14.85 -0.25
C PRO B 56 -9.15 -14.97 1.26
N ALA B 57 -8.43 -14.07 1.92
CA ALA B 57 -8.31 -14.15 3.38
C ALA B 57 -9.22 -13.15 4.14
N GLY B 58 -10.32 -13.66 4.69
CA GLY B 58 -11.22 -12.82 5.46
C GLY B 58 -10.52 -12.01 6.53
N GLU B 59 -9.53 -12.61 7.20
CA GLU B 59 -8.85 -11.93 8.30
C GLU B 59 -7.96 -10.77 7.85
N ARG B 60 -7.51 -10.79 6.59
CA ARG B 60 -6.73 -9.65 6.13
C ARG B 60 -7.60 -8.39 6.09
N MET B 61 -8.90 -8.59 5.84
CA MET B 61 -9.84 -7.50 5.60
C MET B 61 -10.69 -7.21 6.81
N ARG B 62 -10.40 -7.89 7.91
CA ARG B 62 -11.27 -7.77 9.08
C ARG B 62 -11.35 -6.35 9.60
N GLU B 63 -10.18 -5.77 9.87
CA GLU B 63 -10.12 -4.46 10.47
C GLU B 63 -10.76 -3.41 9.56
N VAL B 64 -10.34 -3.36 8.31
CA VAL B 64 -10.88 -2.34 7.42
C VAL B 64 -12.38 -2.53 7.15
N SER B 65 -12.80 -3.78 6.94
CA SER B 65 -14.22 -4.05 6.66
C SER B 65 -15.10 -3.67 7.84
N TRP B 66 -14.64 -3.92 9.06
CA TRP B 66 -15.42 -3.51 10.22
C TRP B 66 -15.58 -1.99 10.24
N ARG B 67 -14.47 -1.28 10.03
CA ARG B 67 -14.49 0.17 10.05
C ARG B 67 -15.42 0.71 8.98
N ALA B 68 -15.34 0.11 7.78
CA ALA B 68 -16.05 0.62 6.62
C ALA B 68 -17.55 0.43 6.74
N SER B 69 -17.93 -0.53 7.56
CA SER B 69 -19.35 -0.85 7.73
C SER B 69 -19.97 -0.09 8.89
N ARG B 70 -19.20 0.81 9.49
CA ARG B 70 -19.75 1.69 10.52
C ARG B 70 -20.52 2.85 9.85
N LYS B 71 -21.09 3.70 10.70
CA LYS B 71 -21.81 4.87 10.25
C LYS B 71 -20.77 5.82 9.65
N PRO B 72 -21.18 6.60 8.64
CA PRO B 72 -20.24 7.58 8.05
C PRO B 72 -19.56 8.45 9.09
N ALA B 73 -20.34 8.90 10.06
CA ALA B 73 -19.80 9.76 11.10
C ALA B 73 -18.76 9.06 11.96
N ARG B 74 -18.73 7.72 11.93
CA ARG B 74 -17.73 6.97 12.66
C ARG B 74 -16.62 6.51 11.71
N GLY B 75 -16.66 6.95 10.45
CA GLY B 75 -15.60 6.61 9.50
C GLY B 75 -16.01 5.51 8.52
N GLY B 76 -17.30 5.21 8.53
CA GLY B 76 -17.84 4.23 7.63
C GLY B 76 -17.75 4.77 6.23
N ARG B 77 -17.69 3.85 5.26
CA ARG B 77 -17.77 4.19 3.85
C ARG B 77 -18.77 3.21 3.26
N PRO B 78 -20.02 3.67 3.05
CA PRO B 78 -21.03 2.74 2.56
C PRO B 78 -20.79 2.34 1.10
N ASN B 79 -19.91 3.06 0.42
CA ASN B 79 -19.54 2.71 -0.95
C ASN B 79 -18.28 1.83 -0.98
N ALA B 80 -17.94 1.25 0.16
CA ALA B 80 -16.87 0.24 0.23
C ALA B 80 -17.47 -1.14 0.54
N LEU B 81 -16.90 -2.16 -0.10
CA LEU B 81 -17.31 -3.53 0.11
C LEU B 81 -16.08 -4.44 0.11
N PHE B 82 -16.10 -5.45 0.96
CA PHE B 82 -14.99 -6.37 1.05
C PHE B 82 -15.47 -7.79 0.85
N VAL B 83 -14.86 -8.45 -0.14
CA VAL B 83 -15.36 -9.71 -0.61
C VAL B 83 -14.27 -10.77 -0.48
N VAL B 84 -14.67 -11.92 0.07
CA VAL B 84 -13.77 -13.05 0.20
C VAL B 84 -13.87 -13.96 -1.02
N ALA B 85 -12.76 -14.14 -1.71
CA ALA B 85 -12.70 -14.99 -2.90
C ALA B 85 -11.25 -15.17 -3.31
N SER B 86 -10.96 -16.26 -3.99
CA SER B 86 -9.61 -16.45 -4.50
C SER B 86 -9.60 -15.97 -5.93
N VAL B 87 -8.44 -15.52 -6.41
CA VAL B 87 -8.33 -15.14 -7.79
C VAL B 87 -8.62 -16.35 -8.71
N GLN B 88 -8.44 -17.56 -8.20
CA GLN B 88 -8.73 -18.78 -8.98
C GLN B 88 -10.23 -19.06 -9.09
N ALA B 89 -11.05 -18.29 -8.37
CA ALA B 89 -12.50 -18.48 -8.37
C ALA B 89 -13.23 -17.17 -8.02
N LEU B 90 -13.16 -16.20 -8.93
CA LEU B 90 -13.81 -14.92 -8.72
C LEU B 90 -15.32 -15.11 -8.73
N PRO B 91 -16.04 -14.38 -7.87
CA PRO B 91 -17.50 -14.54 -7.77
C PRO B 91 -18.23 -14.04 -9.01
N GLU B 92 -19.17 -14.84 -9.50
CA GLU B 92 -19.93 -14.47 -10.69
C GLU B 92 -20.72 -13.20 -10.50
N GLU B 93 -21.09 -12.93 -9.25
CA GLU B 93 -21.87 -11.74 -8.91
C GLU B 93 -21.16 -10.44 -9.29
N LEU B 94 -19.85 -10.51 -9.51
CA LEU B 94 -19.07 -9.31 -9.83
C LEU B 94 -18.97 -9.08 -11.34
N ALA B 95 -19.51 -10.02 -12.12
CA ALA B 95 -19.37 -9.99 -13.60
C ALA B 95 -19.83 -8.69 -14.23
N GLY B 96 -18.97 -8.11 -15.07
CA GLY B 96 -19.31 -6.96 -15.87
C GLY B 96 -19.50 -5.65 -15.13
N LEU B 97 -19.09 -5.60 -13.86
CA LEU B 97 -19.36 -4.41 -13.05
C LEU B 97 -18.27 -3.34 -13.11
N ALA B 98 -17.03 -3.74 -13.34
CA ALA B 98 -15.93 -2.79 -13.13
C ALA B 98 -15.71 -1.75 -14.24
N HIS B 99 -15.72 -0.48 -13.86
CA HIS B 99 -15.23 0.60 -14.72
C HIS B 99 -13.71 0.53 -14.62
N THR B 100 -13.24 0.28 -13.41
CA THR B 100 -11.81 0.22 -13.14
C THR B 100 -11.46 -1.00 -12.30
N LEU B 101 -10.51 -1.77 -12.80
CA LEU B 101 -10.01 -2.99 -12.19
C LEU B 101 -8.53 -2.81 -11.85
N THR B 102 -8.20 -2.90 -10.55
CA THR B 102 -6.81 -2.72 -10.12
C THR B 102 -6.21 -3.99 -9.57
N LEU B 103 -4.96 -4.21 -9.93
CA LEU B 103 -4.13 -5.19 -9.27
C LEU B 103 -2.89 -4.46 -8.79
N ASN B 104 -2.83 -4.23 -7.49
CA ASN B 104 -1.71 -3.54 -6.88
C ASN B 104 -0.71 -4.54 -6.31
N PHE B 105 0.48 -4.57 -6.90
CA PHE B 105 1.52 -5.50 -6.47
C PHE B 105 1.03 -6.95 -6.33
N PRO B 106 0.53 -7.56 -7.41
CA PRO B 106 0.12 -8.96 -7.24
C PRO B 106 1.32 -9.85 -6.94
N TRP B 107 1.06 -10.90 -6.16
CA TRP B 107 2.05 -11.92 -5.89
C TRP B 107 2.50 -12.62 -7.19
N ALA B 108 3.59 -13.37 -7.09
CA ALA B 108 4.25 -13.94 -8.25
C ALA B 108 3.33 -14.75 -9.18
N SER B 109 2.41 -15.53 -8.61
CA SER B 109 1.60 -16.37 -9.48
C SER B 109 0.73 -15.53 -10.37
N LEU B 110 0.01 -14.58 -9.79
CA LEU B 110 -0.84 -13.70 -10.56
C LEU B 110 0.01 -12.80 -11.44
N LEU B 111 1.15 -12.35 -10.91
CA LEU B 111 2.09 -11.58 -11.72
C LEU B 111 2.48 -12.37 -12.98
N SER B 112 2.78 -13.66 -12.81
CA SER B 112 3.11 -14.52 -13.92
C SER B 112 1.97 -14.57 -14.92
N ALA B 113 0.75 -14.66 -14.41
CA ALA B 113 -0.40 -14.73 -15.29
C ALA B 113 -0.52 -13.52 -16.21
N LEU B 114 0.03 -12.38 -15.79
CA LEU B 114 -0.15 -11.18 -16.56
C LEU B 114 0.99 -11.01 -17.57
N VAL B 115 2.15 -11.58 -17.28
CA VAL B 115 3.31 -11.32 -18.13
C VAL B 115 3.72 -12.47 -19.04
N LEU B 116 3.26 -13.68 -18.77
CA LEU B 116 3.57 -14.81 -19.65
C LEU B 116 2.89 -14.70 -21.03
N PRO B 117 1.56 -14.57 -21.08
CA PRO B 117 0.56 -14.52 -20.01
C PRO B 117 -0.21 -15.82 -19.89
N GLU B 118 -1.30 -15.81 -19.15
CA GLU B 118 -2.18 -16.97 -19.07
C GLU B 118 -3.58 -16.49 -19.40
N ALA B 119 -4.02 -16.84 -20.61
CA ALA B 119 -5.31 -16.44 -21.13
C ALA B 119 -6.50 -16.68 -20.17
N PRO B 120 -6.57 -17.87 -19.52
CA PRO B 120 -7.71 -18.05 -18.62
C PRO B 120 -7.81 -16.97 -17.56
N VAL B 121 -6.67 -16.62 -16.96
CA VAL B 121 -6.66 -15.58 -15.95
C VAL B 121 -7.07 -14.26 -16.57
N LEU B 122 -6.49 -13.93 -17.72
CA LEU B 122 -6.89 -12.70 -18.41
C LEU B 122 -8.39 -12.74 -18.67
N GLU B 123 -8.87 -13.91 -19.06
CA GLU B 123 -10.29 -14.12 -19.35
C GLU B 123 -11.12 -13.88 -18.09
N ALA B 124 -10.70 -14.47 -16.98
CA ALA B 124 -11.42 -14.26 -15.72
C ALA B 124 -11.49 -12.77 -15.37
N LEU B 125 -10.34 -12.10 -15.50
CA LEU B 125 -10.26 -10.67 -15.22
C LEU B 125 -11.15 -9.88 -16.15
N ARG B 126 -11.21 -10.27 -17.42
CA ARG B 126 -12.05 -9.59 -18.39
C ARG B 126 -13.53 -9.65 -17.97
N ARG B 127 -13.95 -10.75 -17.36
CA ARG B 127 -15.34 -10.90 -16.91
C ARG B 127 -15.76 -9.85 -15.87
N LEU B 128 -14.79 -9.27 -15.15
CA LEU B 128 -15.12 -8.31 -14.10
C LEU B 128 -15.35 -6.92 -14.67
N VAL B 129 -14.80 -6.70 -15.87
CA VAL B 129 -14.77 -5.36 -16.46
C VAL B 129 -15.90 -5.10 -17.46
N ARG B 130 -16.55 -3.95 -17.32
CA ARG B 130 -17.53 -3.50 -18.31
C ARG B 130 -16.77 -2.93 -19.53
N PRO B 131 -17.40 -3.00 -20.72
CA PRO B 131 -16.87 -2.42 -21.96
C PRO B 131 -16.40 -0.98 -21.79
N GLY B 132 -15.21 -0.67 -22.29
CA GLY B 132 -14.65 0.67 -22.12
C GLY B 132 -13.91 0.87 -20.81
N GLY B 133 -14.02 -0.11 -19.91
CA GLY B 133 -13.34 -0.04 -18.63
C GLY B 133 -11.86 -0.36 -18.74
N GLU B 134 -11.11 -0.10 -17.68
CA GLU B 134 -9.67 -0.29 -17.74
C GLU B 134 -9.12 -1.23 -16.68
N LEU B 135 -8.15 -2.02 -17.11
CA LEU B 135 -7.36 -2.83 -16.21
C LEU B 135 -6.15 -1.97 -15.89
N ILE B 136 -5.84 -1.86 -14.60
CA ILE B 136 -4.67 -1.12 -14.16
C ILE B 136 -3.85 -2.02 -13.26
N ALA B 137 -2.64 -2.33 -13.69
CA ALA B 137 -1.82 -3.24 -12.91
C ALA B 137 -0.49 -2.60 -12.56
N LEU B 138 -0.18 -2.66 -11.26
CA LEU B 138 1.07 -2.13 -10.74
C LEU B 138 1.96 -3.31 -10.38
N LEU B 139 2.98 -3.53 -11.19
CA LEU B 139 3.77 -4.75 -11.14
C LEU B 139 5.17 -4.55 -10.57
N ASN B 140 5.53 -5.41 -9.62
CA ASN B 140 6.87 -5.37 -9.05
C ASN B 140 7.34 -6.76 -8.64
N GLN B 141 8.59 -7.09 -8.95
CA GLN B 141 9.06 -8.46 -8.74
C GLN B 141 9.64 -8.71 -7.35
N SER B 142 9.64 -7.70 -6.49
CA SER B 142 10.09 -7.95 -5.13
C SER B 142 8.93 -8.46 -4.24
N VAL B 143 7.76 -8.71 -4.82
CA VAL B 143 6.61 -9.19 -4.02
C VAL B 143 6.85 -10.61 -3.53
N PHE B 144 5.97 -11.10 -2.65
CA PHE B 144 6.06 -12.49 -2.20
C PHE B 144 5.97 -13.49 -3.38
N ASP B 145 6.88 -14.45 -3.41
CA ASP B 145 6.75 -15.49 -4.43
C ASP B 145 5.88 -16.63 -3.88
N ASP B 146 4.63 -16.69 -4.30
CA ASP B 146 3.72 -17.67 -3.75
C ASP B 146 3.69 -18.96 -4.55
N ARG B 147 4.45 -18.98 -5.64
CA ARG B 147 4.49 -20.15 -6.52
C ARG B 147 5.30 -21.23 -5.83
N PRO B 148 4.84 -22.49 -5.90
CA PRO B 148 5.68 -23.60 -5.43
C PRO B 148 6.97 -23.67 -6.25
N TYR B 149 8.06 -24.15 -5.64
CA TYR B 149 9.39 -24.06 -6.26
C TYR B 149 9.43 -24.68 -7.64
N ALA B 150 8.76 -25.83 -7.80
CA ALA B 150 8.82 -26.53 -9.06
C ALA B 150 8.21 -25.70 -10.21
N ALA B 151 7.23 -24.86 -9.90
CA ALA B 151 6.53 -24.08 -10.90
C ALA B 151 7.12 -22.68 -11.13
N ARG B 152 8.33 -22.43 -10.68
CA ARG B 152 8.90 -21.09 -10.79
C ARG B 152 9.63 -20.80 -12.11
N LEU B 153 8.90 -20.44 -13.16
CA LEU B 153 9.56 -19.93 -14.35
C LEU B 153 10.31 -18.65 -14.03
N GLY B 154 11.44 -18.40 -14.69
CA GLY B 154 12.04 -17.09 -14.65
C GLY B 154 11.20 -16.21 -15.58
N LEU B 155 10.73 -15.07 -15.10
CA LEU B 155 9.94 -14.19 -15.94
C LEU B 155 10.82 -13.23 -16.74
N PRO B 156 10.42 -12.94 -18.00
CA PRO B 156 11.21 -12.07 -18.86
C PRO B 156 10.99 -10.65 -18.37
N GLU B 157 11.93 -9.75 -18.64
CA GLU B 157 11.68 -8.34 -18.39
C GLU B 157 10.44 -7.97 -19.20
N LEU B 158 9.57 -7.16 -18.60
CA LEU B 158 8.45 -6.65 -19.39
C LEU B 158 9.04 -5.60 -20.33
N SER B 159 9.80 -6.07 -21.32
CA SER B 159 10.38 -5.18 -22.32
C SER B 159 9.31 -4.78 -23.35
N ASP B 160 9.52 -3.68 -24.04
CA ASP B 160 8.57 -3.28 -25.06
C ASP B 160 8.46 -4.37 -26.14
N ALA B 161 9.58 -4.98 -26.52
CA ALA B 161 9.53 -6.06 -27.52
C ALA B 161 8.63 -7.18 -27.06
N TRP B 162 8.76 -7.57 -25.80
CA TRP B 162 7.90 -8.63 -25.28
C TRP B 162 6.45 -8.16 -25.21
N LEU B 163 6.26 -6.92 -24.78
CA LEU B 163 4.92 -6.37 -24.71
C LEU B 163 4.28 -6.32 -26.09
N ASP B 164 5.02 -5.72 -27.01
CA ASP B 164 4.49 -5.44 -28.33
C ASP B 164 4.24 -6.75 -29.05
N ASP B 165 5.19 -7.69 -28.98
CA ASP B 165 5.10 -8.91 -29.78
C ASP B 165 4.36 -10.07 -29.12
N ALA B 166 4.45 -10.18 -27.81
CA ALA B 166 3.87 -11.32 -27.09
C ALA B 166 2.57 -10.96 -26.40
N LEU B 167 2.51 -9.75 -25.85
CA LEU B 167 1.40 -9.40 -24.98
C LEU B 167 0.23 -8.72 -25.71
N ARG B 168 0.51 -7.76 -26.59
CA ARG B 168 -0.57 -7.01 -27.27
C ARG B 168 -1.59 -7.91 -27.95
N PRO B 169 -1.15 -8.83 -28.83
CA PRO B 169 -2.16 -9.71 -29.41
C PRO B 169 -2.88 -10.54 -28.37
N ALA B 170 -2.16 -11.15 -27.44
CA ALA B 170 -2.80 -12.02 -26.44
C ALA B 170 -3.83 -11.32 -25.52
N TYR B 171 -3.57 -10.06 -25.20
CA TYR B 171 -4.55 -9.30 -24.41
C TYR B 171 -5.76 -8.92 -25.28
N ARG B 172 -5.51 -8.64 -26.55
CA ARG B 172 -6.61 -8.37 -27.48
C ARG B 172 -7.48 -9.62 -27.65
N ALA B 173 -6.84 -10.77 -27.75
CA ALA B 173 -7.57 -12.02 -27.82
C ALA B 173 -8.43 -12.33 -26.59
N ALA B 174 -8.18 -11.63 -25.48
CA ALA B 174 -8.90 -11.91 -24.25
C ALA B 174 -9.83 -10.76 -23.86
N GLY B 175 -9.84 -9.71 -24.67
CA GLY B 175 -10.72 -8.57 -24.44
C GLY B 175 -10.02 -7.29 -24.01
N PHE B 176 -8.71 -7.24 -24.17
CA PHE B 176 -8.00 -6.08 -23.68
C PHE B 176 -7.16 -5.35 -24.72
N GLU B 177 -7.22 -4.03 -24.70
CA GLU B 177 -6.30 -3.25 -25.50
C GLU B 177 -5.31 -2.58 -24.59
N ILE B 178 -4.06 -3.02 -24.67
CA ILE B 178 -3.01 -2.47 -23.84
C ILE B 178 -2.73 -1.04 -24.28
N ARG B 179 -2.85 -0.07 -23.38
CA ARG B 179 -2.44 1.29 -23.73
C ARG B 179 -1.00 1.40 -23.33
N THR B 180 -0.75 1.35 -22.03
CA THR B 180 0.58 1.67 -21.53
C THR B 180 1.30 0.52 -20.85
N SER B 181 2.63 0.59 -20.97
CA SER B 181 3.53 -0.23 -20.21
C SER B 181 4.59 0.76 -19.82
N GLU B 182 4.59 1.14 -18.56
CA GLU B 182 5.35 2.30 -18.17
C GLU B 182 6.17 2.01 -16.91
N ILE B 183 7.44 2.43 -16.91
CA ILE B 183 8.21 2.40 -15.66
C ILE B 183 7.79 3.60 -14.83
N VAL B 184 7.53 3.37 -13.55
CA VAL B 184 7.14 4.42 -12.61
C VAL B 184 8.18 4.49 -11.51
N ASP B 185 7.86 5.14 -10.41
CA ASP B 185 8.74 5.09 -9.25
C ASP B 185 8.23 4.09 -8.23
N GLY B 186 6.94 3.77 -8.33
CA GLY B 186 6.27 2.95 -7.34
C GLY B 186 5.50 3.76 -6.32
N GLY B 203 10.92 -5.98 -15.69
CA GLY B 203 12.06 -6.70 -15.14
C GLY B 203 12.55 -6.21 -13.78
N ARG B 204 13.30 -5.11 -13.76
CA ARG B 204 13.96 -4.61 -12.55
C ARG B 204 13.15 -3.60 -11.72
N ARG B 205 12.37 -2.79 -12.41
CA ARG B 205 11.73 -1.64 -11.81
C ARG B 205 10.30 -1.92 -11.32
N THR B 206 9.50 -0.88 -11.21
CA THR B 206 8.08 -1.09 -10.98
C THR B 206 7.40 -0.67 -12.25
N ARG B 207 6.45 -1.48 -12.72
CA ARG B 207 5.78 -1.16 -13.98
C ARG B 207 4.32 -0.81 -13.73
N LEU B 208 3.81 0.09 -14.56
CA LEU B 208 2.37 0.34 -14.59
C LEU B 208 1.86 -0.20 -15.92
N LEU B 209 0.91 -1.12 -15.86
CA LEU B 209 0.39 -1.76 -17.05
C LEU B 209 -1.09 -1.50 -17.08
N THR B 210 -1.56 -0.89 -18.17
CA THR B 210 -2.97 -0.57 -18.35
C THR B 210 -3.51 -1.20 -19.62
N ALA B 211 -4.76 -1.62 -19.59
CA ALA B 211 -5.42 -2.13 -20.78
C ALA B 211 -6.89 -1.72 -20.75
N GLU B 212 -7.43 -1.40 -21.93
CA GLU B 212 -8.83 -1.02 -22.01
C GLU B 212 -9.60 -2.27 -22.45
N ALA B 213 -10.80 -2.44 -21.92
CA ALA B 213 -11.66 -3.59 -22.21
C ALA B 213 -12.40 -3.46 -23.53
N ILE B 214 -12.67 -4.60 -24.19
CA ILE B 214 -13.30 -4.60 -25.52
C ILE B 214 -14.71 -5.23 -25.60
I IOD C . 4.11 -8.53 -0.85
I IOD D . 2.17 5.18 14.26
C1 GOL E . -0.54 4.21 7.86
O1 GOL E . 0.70 4.35 7.17
C2 GOL E . -0.43 4.07 9.40
O2 GOL E . -0.15 5.30 10.05
C3 GOL E . -1.72 3.50 9.97
O3 GOL E . -1.45 2.80 11.16
I IOD F . -6.25 4.05 5.42
I IOD G . -2.51 -11.54 -5.79
I IOD H . 8.11 -28.16 -4.90
#